data_8WMT
#
_entry.id   8WMT
#
_cell.length_a   90.920
_cell.length_b   90.920
_cell.length_c   157.400
_cell.angle_alpha   90.00
_cell.angle_beta   90.00
_cell.angle_gamma   90.00
#
_symmetry.space_group_name_H-M   'P 43 21 2'
#
loop_
_entity.id
_entity.type
_entity.pdbx_description
1 polymer 'cis-epoxysuccinic hydrolase'
2 water water
#
_entity_poly.entity_id   1
_entity_poly.type   'polypeptide(L)'
_entity_poly.pdbx_seq_one_letter_code
;MQPARAATWRDEIRAIAFDVQGTCVDFYQPILRAGQTVNAAKGLALDWAKLSGEWRDLYRVALDEVIAGKRPWIRVDRIY
REALDVLLDRHGLSEAFSKDERDELNTVWSKLDAWPDSVEGLARLRSRFVTSTLSNAGMAAVVAVVKHAGLPFDALLTAE
LAHSYKPSPAVYQLAVDYLGYPADTILMVACHKYDLKAARAFGMRTAFVARPLEFGPAAKVDVAPESWFDLHVDNFTQLA
DALVPALEHHHHHH
;
_entity_poly.pdbx_strand_id   A,B
#
# COMPACT_ATOMS: atom_id res chain seq x y z
N THR A 8 -12.40 -24.87 9.66
CA THR A 8 -11.79 -25.88 8.80
C THR A 8 -10.47 -25.35 8.23
N TRP A 9 -10.55 -24.73 7.05
CA TRP A 9 -9.38 -24.17 6.39
C TRP A 9 -9.04 -22.78 6.92
N ARG A 10 -9.87 -22.23 7.81
CA ARG A 10 -9.69 -20.85 8.23
C ARG A 10 -8.41 -20.61 9.01
N ASP A 11 -7.81 -21.65 9.57
CA ASP A 11 -6.52 -21.45 10.22
C ASP A 11 -5.33 -21.67 9.29
N GLU A 12 -5.59 -22.05 8.03
CA GLU A 12 -4.54 -22.01 7.02
C GLU A 12 -4.36 -20.62 6.40
N ILE A 13 -5.36 -19.76 6.53
CA ILE A 13 -5.32 -18.45 5.90
C ILE A 13 -4.39 -17.53 6.67
N ARG A 14 -3.52 -16.83 5.96
CA ARG A 14 -2.65 -15.83 6.56
C ARG A 14 -2.96 -14.41 6.11
N ALA A 15 -3.45 -14.23 4.88
CA ALA A 15 -3.72 -12.91 4.33
C ALA A 15 -5.03 -12.94 3.57
N ILE A 16 -5.72 -11.80 3.54
CA ILE A 16 -6.99 -11.67 2.82
C ILE A 16 -6.88 -10.47 1.90
N ALA A 17 -7.19 -10.69 0.62
CA ALA A 17 -7.11 -9.66 -0.41
C ALA A 17 -8.52 -9.30 -0.85
N PHE A 18 -8.81 -8.00 -0.92
CA PHE A 18 -10.16 -7.51 -1.20
C PHE A 18 -10.21 -6.72 -2.48
N ASP A 19 -11.16 -7.06 -3.35
CA ASP A 19 -11.57 -6.11 -4.38
C ASP A 19 -12.20 -4.90 -3.68
N VAL A 20 -12.13 -3.72 -4.32
CA VAL A 20 -12.57 -2.52 -3.62
C VAL A 20 -13.84 -1.93 -4.22
N GLN A 21 -13.78 -1.42 -5.44
CA GLN A 21 -14.97 -0.84 -6.05
C GLN A 21 -16.06 -1.90 -6.20
N GLY A 22 -17.24 -1.61 -5.64
CA GLY A 22 -18.32 -2.60 -5.55
C GLY A 22 -18.27 -3.52 -4.33
N THR A 23 -17.15 -4.20 -4.14
CA THR A 23 -17.06 -5.15 -3.02
C THR A 23 -17.03 -4.44 -1.67
N CYS A 24 -16.20 -3.40 -1.54
CA CYS A 24 -16.06 -2.68 -0.28
C CYS A 24 -16.89 -1.40 -0.25
N VAL A 25 -17.09 -0.80 -1.42
CA VAL A 25 -17.69 0.53 -1.53
C VAL A 25 -18.74 0.56 -2.64
N ASP A 26 -19.73 1.42 -2.45
CA ASP A 26 -20.80 1.69 -3.41
C ASP A 26 -20.35 2.81 -4.33
N PHE A 27 -20.54 2.64 -5.63
CA PHE A 27 -20.30 3.72 -6.59
C PHE A 27 -21.57 4.17 -7.30
N TYR A 28 -22.74 3.62 -6.94
CA TYR A 28 -23.98 4.06 -7.55
C TYR A 28 -24.47 5.37 -6.93
N GLN A 29 -24.64 5.40 -5.61
CA GLN A 29 -25.07 6.66 -4.99
C GLN A 29 -24.09 7.79 -5.21
N PRO A 30 -22.75 7.59 -5.19
CA PRO A 30 -21.86 8.72 -5.53
C PRO A 30 -22.13 9.34 -6.90
N ILE A 31 -22.44 8.54 -7.93
CA ILE A 31 -22.82 9.10 -9.23
C ILE A 31 -24.10 9.90 -9.13
N LEU A 32 -25.12 9.35 -8.47
CA LEU A 32 -26.37 10.07 -8.33
C LEU A 32 -26.16 11.37 -7.59
N ARG A 33 -25.31 11.35 -6.56
CA ARG A 33 -25.02 12.55 -5.80
CA ARG A 33 -25.02 12.56 -5.80
C ARG A 33 -24.28 13.57 -6.66
N ALA A 34 -23.25 13.13 -7.39
CA ALA A 34 -22.52 14.06 -8.25
C ALA A 34 -23.43 14.63 -9.32
N GLY A 35 -24.37 13.83 -9.82
CA GLY A 35 -25.26 14.29 -10.87
C GLY A 35 -26.26 15.33 -10.41
N GLN A 36 -26.76 15.20 -9.18
CA GLN A 36 -27.65 16.24 -8.66
C GLN A 36 -26.95 17.57 -8.64
N THR A 37 -25.66 17.58 -8.25
CA THR A 37 -24.90 18.83 -8.22
C THR A 37 -24.74 19.40 -9.62
N VAL A 38 -24.44 18.56 -10.60
CA VAL A 38 -24.30 19.02 -11.98
C VAL A 38 -25.63 19.58 -12.50
N ASN A 39 -26.72 18.84 -12.27
CA ASN A 39 -28.03 19.29 -12.74
C ASN A 39 -28.36 20.68 -12.18
N ALA A 40 -28.10 20.88 -10.89
CA ALA A 40 -28.42 22.15 -10.26
C ALA A 40 -27.54 23.27 -10.81
N ALA A 41 -26.26 22.98 -11.03
CA ALA A 41 -25.33 24.02 -11.47
C ALA A 41 -25.64 24.49 -12.89
N LYS A 42 -26.01 23.55 -13.77
CA LYS A 42 -26.17 23.84 -15.19
C LYS A 42 -27.62 24.02 -15.62
N GLY A 43 -28.57 23.87 -14.69
CA GLY A 43 -29.97 23.96 -15.05
C GLY A 43 -30.40 22.83 -15.97
N LEU A 44 -29.85 21.65 -15.76
CA LEU A 44 -30.17 20.47 -16.56
C LEU A 44 -31.03 19.51 -15.74
N ALA A 45 -31.65 18.56 -16.43
CA ALA A 45 -32.43 17.52 -15.77
C ALA A 45 -31.99 16.15 -16.27
N LEU A 46 -30.69 15.92 -16.28
CA LEU A 46 -30.19 14.64 -16.77
C LEU A 46 -30.60 13.50 -15.84
N ASP A 47 -30.82 12.32 -16.42
CA ASP A 47 -31.26 11.15 -15.67
C ASP A 47 -30.03 10.35 -15.28
N TRP A 48 -29.48 10.65 -14.09
CA TRP A 48 -28.22 10.04 -13.72
C TRP A 48 -28.36 8.57 -13.36
N ALA A 49 -29.55 8.12 -12.98
CA ALA A 49 -29.72 6.68 -12.79
C ALA A 49 -29.43 5.96 -14.09
N LYS A 50 -29.92 6.49 -15.21
CA LYS A 50 -29.65 5.85 -16.48
C LYS A 50 -28.22 6.14 -16.97
N LEU A 51 -27.73 7.37 -16.77
CA LEU A 51 -26.37 7.66 -17.22
C LEU A 51 -25.35 6.82 -16.48
N SER A 52 -25.61 6.53 -15.20
CA SER A 52 -24.77 5.59 -14.44
C SER A 52 -24.53 4.30 -15.21
N GLY A 53 -25.61 3.65 -15.65
CA GLY A 53 -25.47 2.40 -16.35
C GLY A 53 -24.82 2.56 -17.71
N GLU A 54 -25.11 3.66 -18.40
CA GLU A 54 -24.51 3.90 -19.70
C GLU A 54 -23.01 4.09 -19.59
N TRP A 55 -22.57 4.83 -18.56
CA TRP A 55 -21.14 5.06 -18.35
C TRP A 55 -20.44 3.75 -18.05
N ARG A 56 -21.04 2.94 -17.16
CA ARG A 56 -20.51 1.60 -16.85
C ARG A 56 -20.38 0.75 -18.12
N ASP A 57 -21.40 0.78 -18.99
CA ASP A 57 -21.34 -0.04 -20.20
C ASP A 57 -20.22 0.40 -21.12
N LEU A 58 -20.02 1.72 -21.28
CA LEU A 58 -18.91 2.21 -22.08
C LEU A 58 -17.57 1.81 -21.48
N TYR A 59 -17.46 1.90 -20.17
CA TYR A 59 -16.25 1.49 -19.48
C TYR A 59 -15.95 0.01 -19.75
N ARG A 60 -16.98 -0.83 -19.64
CA ARG A 60 -16.79 -2.27 -19.82
C ARG A 60 -16.30 -2.60 -21.22
N VAL A 61 -16.85 -1.93 -22.23
CA VAL A 61 -16.41 -2.17 -23.60
C VAL A 61 -14.94 -1.79 -23.76
N ALA A 62 -14.54 -0.65 -23.20
CA ALA A 62 -13.16 -0.21 -23.34
C ALA A 62 -12.21 -1.12 -22.56
N LEU A 63 -12.59 -1.54 -21.35
CA LEU A 63 -11.75 -2.45 -20.58
C LEU A 63 -11.57 -3.77 -21.31
N ASP A 64 -12.65 -4.26 -21.93
CA ASP A 64 -12.55 -5.51 -22.69
C ASP A 64 -11.55 -5.37 -23.84
N GLU A 65 -11.50 -4.20 -24.47
CA GLU A 65 -10.53 -3.98 -25.54
C GLU A 65 -9.11 -3.96 -24.99
N VAL A 66 -8.91 -3.43 -23.78
CA VAL A 66 -7.57 -3.51 -23.18
C VAL A 66 -7.18 -4.96 -22.94
N ILE A 67 -8.09 -5.74 -22.35
CA ILE A 67 -7.77 -7.12 -22.02
C ILE A 67 -7.51 -7.93 -23.29
N ALA A 68 -8.20 -7.58 -24.38
CA ALA A 68 -7.99 -8.27 -25.65
C ALA A 68 -6.76 -7.79 -26.40
N GLY A 69 -6.04 -6.81 -25.85
CA GLY A 69 -4.83 -6.30 -26.47
C GLY A 69 -5.05 -5.38 -27.63
N LYS A 70 -6.28 -4.87 -27.82
CA LYS A 70 -6.53 -3.93 -28.91
C LYS A 70 -6.06 -2.53 -28.59
N ARG A 71 -5.93 -2.19 -27.31
CA ARG A 71 -5.44 -0.90 -26.90
C ARG A 71 -4.58 -1.09 -25.66
N PRO A 72 -3.59 -0.23 -25.44
CA PRO A 72 -2.62 -0.47 -24.38
C PRO A 72 -3.21 -0.19 -23.00
N TRP A 73 -2.56 -0.79 -22.00
CA TRP A 73 -2.99 -0.64 -20.63
C TRP A 73 -3.05 0.84 -20.26
N ILE A 74 -4.16 1.23 -19.68
CA ILE A 74 -4.47 2.60 -19.26
C ILE A 74 -5.15 2.48 -17.90
N ARG A 75 -4.88 3.42 -16.99
CA ARG A 75 -5.50 3.41 -15.67
C ARG A 75 -7.02 3.48 -15.72
N VAL A 76 -7.67 2.85 -14.72
CA VAL A 76 -9.13 2.76 -14.70
C VAL A 76 -9.78 4.13 -14.78
N ASP A 77 -9.28 5.09 -13.98
CA ASP A 77 -9.89 6.41 -13.98
C ASP A 77 -9.76 7.07 -15.34
N ARG A 78 -8.69 6.75 -16.09
CA ARG A 78 -8.57 7.30 -17.44
C ARG A 78 -9.49 6.61 -18.43
N ILE A 79 -9.79 5.32 -18.23
CA ILE A 79 -10.83 4.67 -19.04
C ILE A 79 -12.17 5.35 -18.83
N TYR A 80 -12.54 5.59 -17.56
CA TYR A 80 -13.79 6.27 -17.27
C TYR A 80 -13.80 7.68 -17.85
N ARG A 81 -12.68 8.39 -17.77
CA ARG A 81 -12.62 9.77 -18.26
C ARG A 81 -12.86 9.82 -19.76
N GLU A 82 -12.27 8.89 -20.51
CA GLU A 82 -12.51 8.82 -21.94
C GLU A 82 -13.95 8.42 -22.24
N ALA A 83 -14.48 7.47 -21.48
CA ALA A 83 -15.87 7.06 -21.67
C ALA A 83 -16.83 8.21 -21.42
N LEU A 84 -16.48 9.09 -20.48
CA LEU A 84 -17.31 10.27 -20.22
C LEU A 84 -17.42 11.15 -21.46
N ASP A 85 -16.29 11.38 -22.17
CA ASP A 85 -16.38 12.14 -23.42
C ASP A 85 -17.37 11.50 -24.39
N VAL A 86 -17.33 10.17 -24.52
CA VAL A 86 -18.24 9.49 -25.44
C VAL A 86 -19.68 9.65 -24.98
N LEU A 87 -19.91 9.50 -23.68
CA LEU A 87 -21.24 9.65 -23.11
C LEU A 87 -21.80 11.05 -23.38
N LEU A 88 -21.00 12.08 -23.15
CA LEU A 88 -21.49 13.44 -23.37
C LEU A 88 -21.76 13.70 -24.84
N ASP A 89 -20.93 13.16 -25.73
CA ASP A 89 -21.18 13.32 -27.17
C ASP A 89 -22.50 12.67 -27.57
N ARG A 90 -22.76 11.46 -27.06
N ARG A 90 -22.76 11.45 -27.10
CA ARG A 90 -24.01 10.77 -27.39
CA ARG A 90 -24.02 10.78 -27.41
C ARG A 90 -25.23 11.57 -26.96
C ARG A 90 -25.23 11.60 -26.97
N HIS A 91 -25.13 12.31 -25.86
CA HIS A 91 -26.26 13.07 -25.34
C HIS A 91 -26.26 14.53 -25.77
N GLY A 92 -25.42 14.90 -26.73
CA GLY A 92 -25.37 16.27 -27.23
C GLY A 92 -24.90 17.29 -26.23
N LEU A 93 -24.01 16.89 -25.31
CA LEU A 93 -23.60 17.73 -24.19
C LEU A 93 -22.13 18.16 -24.27
N SER A 94 -21.45 17.93 -25.39
CA SER A 94 -20.03 18.30 -25.41
C SER A 94 -19.80 19.80 -25.30
N GLU A 95 -20.72 20.62 -25.84
CA GLU A 95 -20.57 22.07 -25.67
C GLU A 95 -20.86 22.51 -24.23
N ALA A 96 -21.66 21.74 -23.49
CA ALA A 96 -22.04 22.14 -22.14
C ALA A 96 -20.96 21.87 -21.08
N PHE A 97 -19.99 20.98 -21.34
CA PHE A 97 -19.01 20.56 -20.33
C PHE A 97 -17.60 20.83 -20.82
N SER A 98 -16.89 21.73 -20.13
CA SER A 98 -15.50 22.01 -20.44
C SER A 98 -14.62 20.87 -19.94
N LYS A 99 -13.34 20.88 -20.33
CA LYS A 99 -12.43 19.86 -19.84
C LYS A 99 -12.34 19.89 -18.32
N ASP A 100 -12.26 21.08 -17.74
CA ASP A 100 -12.19 21.22 -16.28
C ASP A 100 -13.44 20.63 -15.61
N GLU A 101 -14.62 20.84 -16.20
CA GLU A 101 -15.84 20.34 -15.58
C GLU A 101 -15.93 18.81 -15.68
N ARG A 102 -15.48 18.24 -16.80
CA ARG A 102 -15.45 16.79 -16.94
C ARG A 102 -14.47 16.16 -15.96
N ASP A 103 -13.28 16.76 -15.83
CA ASP A 103 -12.29 16.30 -14.87
C ASP A 103 -12.88 16.26 -13.47
N GLU A 104 -13.58 17.34 -13.07
CA GLU A 104 -14.17 17.37 -11.74
C GLU A 104 -15.24 16.30 -11.58
N LEU A 105 -16.11 16.13 -12.59
CA LEU A 105 -17.12 15.09 -12.48
C LEU A 105 -16.47 13.72 -12.31
N ASN A 106 -15.37 13.47 -13.02
CA ASN A 106 -14.71 12.18 -13.00
C ASN A 106 -13.97 11.90 -11.69
N THR A 107 -13.80 12.90 -10.80
CA THR A 107 -13.23 12.61 -9.49
C THR A 107 -14.12 11.72 -8.65
N VAL A 108 -15.35 11.47 -9.10
CA VAL A 108 -16.29 10.65 -8.34
C VAL A 108 -15.70 9.28 -8.04
N TRP A 109 -14.87 8.75 -8.95
CA TRP A 109 -14.34 7.39 -8.74
C TRP A 109 -13.34 7.30 -7.60
N SER A 110 -12.88 8.44 -7.06
CA SER A 110 -12.04 8.45 -5.87
C SER A 110 -12.81 8.85 -4.62
N LYS A 111 -14.13 8.97 -4.72
CA LYS A 111 -15.01 9.45 -3.66
C LYS A 111 -16.18 8.49 -3.44
N LEU A 112 -15.86 7.22 -3.26
CA LEU A 112 -16.85 6.16 -3.15
C LEU A 112 -17.10 5.84 -1.67
N ASP A 113 -18.30 5.37 -1.37
CA ASP A 113 -18.78 5.26 0.01
C ASP A 113 -18.82 3.83 0.48
N ALA A 114 -18.34 3.59 1.70
CA ALA A 114 -18.39 2.27 2.30
C ALA A 114 -19.83 1.77 2.38
N TRP A 115 -20.05 0.51 2.03
CA TRP A 115 -21.30 -0.13 2.40
C TRP A 115 -21.42 -0.12 3.94
N PRO A 116 -22.63 -0.16 4.48
CA PRO A 116 -22.81 -0.01 5.94
C PRO A 116 -22.04 -1.03 6.78
N ASP A 117 -21.69 -2.18 6.23
CA ASP A 117 -21.02 -3.26 6.98
C ASP A 117 -19.51 -3.26 6.83
N SER A 118 -18.94 -2.41 5.96
CA SER A 118 -17.56 -2.63 5.51
C SER A 118 -16.54 -2.31 6.60
N VAL A 119 -16.70 -1.19 7.31
CA VAL A 119 -15.62 -0.76 8.19
C VAL A 119 -15.43 -1.73 9.34
N GLU A 120 -16.51 -2.09 10.03
CA GLU A 120 -16.36 -2.97 11.17
C GLU A 120 -15.89 -4.36 10.75
N GLY A 121 -16.37 -4.87 9.62
CA GLY A 121 -15.92 -6.17 9.15
C GLY A 121 -14.44 -6.19 8.83
N LEU A 122 -13.98 -5.17 8.10
CA LEU A 122 -12.54 -5.05 7.81
C LEU A 122 -11.72 -4.95 9.08
N ALA A 123 -12.19 -4.19 10.06
CA ALA A 123 -11.43 -4.05 11.30
C ALA A 123 -11.30 -5.39 12.02
N ARG A 124 -12.40 -6.14 12.10
CA ARG A 124 -12.35 -7.44 12.78
C ARG A 124 -11.37 -8.37 12.08
N LEU A 125 -11.36 -8.36 10.75
CA LEU A 125 -10.46 -9.25 10.02
C LEU A 125 -9.02 -8.81 10.18
N ARG A 126 -8.75 -7.49 10.20
CA ARG A 126 -7.39 -7.04 10.31
C ARG A 126 -6.80 -7.40 11.68
N SER A 127 -7.65 -7.61 12.69
CA SER A 127 -7.14 -7.98 14.00
C SER A 127 -6.59 -9.40 14.02
N ARG A 128 -6.91 -10.22 13.01
CA ARG A 128 -6.46 -11.61 12.97
C ARG A 128 -5.65 -11.98 11.73
N PHE A 129 -5.70 -11.19 10.67
CA PHE A 129 -5.06 -11.51 9.40
C PHE A 129 -4.35 -10.29 8.86
N VAL A 130 -3.43 -10.52 7.92
CA VAL A 130 -2.89 -9.45 7.10
C VAL A 130 -3.91 -9.17 6.01
N THR A 131 -4.37 -7.92 5.90
CA THR A 131 -5.42 -7.58 4.94
C THR A 131 -4.90 -6.58 3.93
N SER A 132 -5.37 -6.70 2.69
CA SER A 132 -4.86 -5.90 1.58
C SER A 132 -5.99 -5.65 0.58
N THR A 133 -5.91 -4.52 -0.12
CA THR A 133 -6.71 -4.41 -1.32
C THR A 133 -6.04 -5.19 -2.46
N LEU A 134 -6.84 -5.60 -3.43
CA LEU A 134 -6.32 -6.11 -4.69
C LEU A 134 -7.41 -5.84 -5.73
N SER A 135 -7.34 -4.69 -6.38
CA SER A 135 -8.41 -4.32 -7.30
C SER A 135 -7.82 -3.84 -8.62
N ASN A 136 -8.69 -3.67 -9.62
CA ASN A 136 -8.25 -3.21 -10.93
C ASN A 136 -7.86 -1.74 -10.95
N ALA A 137 -8.46 -0.92 -10.07
CA ALA A 137 -8.31 0.54 -10.18
C ALA A 137 -6.88 1.00 -9.91
N GLY A 138 -6.59 2.23 -10.32
CA GLY A 138 -5.25 2.75 -10.13
C GLY A 138 -4.88 2.87 -8.66
N MET A 139 -3.57 2.85 -8.39
CA MET A 139 -3.09 2.95 -7.02
C MET A 139 -3.56 4.24 -6.37
N ALA A 140 -3.42 5.37 -7.07
CA ALA A 140 -3.78 6.64 -6.44
C ALA A 140 -5.26 6.70 -6.14
N ALA A 141 -6.09 6.11 -7.01
CA ALA A 141 -7.53 6.12 -6.77
C ALA A 141 -7.90 5.24 -5.59
N VAL A 142 -7.24 4.09 -5.43
CA VAL A 142 -7.54 3.24 -4.29
C VAL A 142 -7.01 3.87 -2.99
N VAL A 143 -5.84 4.50 -3.03
CA VAL A 143 -5.38 5.27 -1.87
C VAL A 143 -6.44 6.28 -1.47
N ALA A 144 -7.01 6.99 -2.46
CA ALA A 144 -8.00 8.01 -2.18
C ALA A 144 -9.30 7.42 -1.67
N VAL A 145 -9.77 6.33 -2.30
CA VAL A 145 -11.04 5.72 -1.86
C VAL A 145 -10.91 5.18 -0.44
N VAL A 146 -9.80 4.50 -0.14
CA VAL A 146 -9.63 3.92 1.19
C VAL A 146 -9.61 5.01 2.25
N LYS A 147 -8.93 6.12 1.96
CA LYS A 147 -8.89 7.23 2.91
C LYS A 147 -10.24 7.91 3.05
N HIS A 148 -10.95 8.10 1.93
CA HIS A 148 -12.24 8.79 1.96
C HIS A 148 -13.28 7.99 2.73
N ALA A 149 -13.32 6.68 2.53
CA ALA A 149 -14.31 5.83 3.20
C ALA A 149 -13.82 5.29 4.53
N GLY A 150 -12.57 5.58 4.92
CA GLY A 150 -12.04 5.15 6.20
C GLY A 150 -11.90 3.66 6.34
N LEU A 151 -11.53 2.96 5.25
CA LEU A 151 -11.39 1.50 5.29
C LEU A 151 -10.06 1.12 5.91
N PRO A 152 -10.03 0.21 6.88
CA PRO A 152 -8.74 -0.24 7.42
C PRO A 152 -8.12 -1.39 6.64
N PHE A 153 -6.86 -1.22 6.22
CA PHE A 153 -6.11 -2.26 5.53
C PHE A 153 -4.66 -2.22 5.97
N ASP A 154 -3.98 -3.38 5.90
CA ASP A 154 -2.53 -3.40 6.12
C ASP A 154 -1.72 -3.04 4.89
N ALA A 155 -2.29 -3.17 3.69
CA ALA A 155 -1.56 -2.88 2.46
C ALA A 155 -2.56 -2.50 1.37
N LEU A 156 -2.10 -1.69 0.42
CA LEU A 156 -2.91 -1.31 -0.74
C LEU A 156 -2.19 -1.75 -2.00
N LEU A 157 -2.75 -2.75 -2.68
CA LEU A 157 -2.22 -3.26 -3.95
C LEU A 157 -3.29 -3.13 -5.02
N THR A 158 -2.85 -2.84 -6.26
CA THR A 158 -3.80 -2.81 -7.36
C THR A 158 -3.13 -3.36 -8.61
N ALA A 159 -3.97 -3.67 -9.61
CA ALA A 159 -3.48 -4.16 -10.88
C ALA A 159 -2.52 -3.20 -11.57
N GLU A 160 -2.55 -1.91 -11.24
CA GLU A 160 -1.57 -0.99 -11.83
C GLU A 160 -0.14 -1.46 -11.59
N LEU A 161 0.10 -2.17 -10.49
CA LEU A 161 1.46 -2.62 -10.18
C LEU A 161 1.94 -3.70 -11.15
N ALA A 162 1.03 -4.27 -11.93
CA ALA A 162 1.38 -5.25 -12.97
C ALA A 162 1.16 -4.73 -14.38
N HIS A 163 0.54 -3.56 -14.52
CA HIS A 163 0.07 -3.03 -15.80
C HIS A 163 -0.66 -4.11 -16.61
N SER A 164 -1.51 -4.88 -15.94
CA SER A 164 -2.39 -5.80 -16.64
C SER A 164 -3.60 -5.98 -15.73
N TYR A 165 -4.73 -6.33 -16.32
CA TYR A 165 -5.96 -6.34 -15.54
C TYR A 165 -6.34 -7.77 -15.16
N LYS A 166 -7.15 -7.89 -14.11
CA LYS A 166 -7.81 -9.17 -13.87
C LYS A 166 -8.53 -9.61 -15.15
N PRO A 167 -8.55 -10.91 -15.47
CA PRO A 167 -8.05 -12.06 -14.69
C PRO A 167 -6.58 -12.46 -14.90
N SER A 168 -5.69 -11.55 -15.27
CA SER A 168 -4.29 -11.91 -15.48
C SER A 168 -3.68 -12.52 -14.21
N PRO A 169 -2.91 -13.62 -14.34
CA PRO A 169 -2.23 -14.15 -13.16
C PRO A 169 -1.24 -13.16 -12.57
N ALA A 170 -0.74 -12.21 -13.36
CA ALA A 170 0.20 -11.23 -12.83
C ALA A 170 -0.44 -10.40 -11.73
N VAL A 171 -1.77 -10.20 -11.77
CA VAL A 171 -2.41 -9.42 -10.70
C VAL A 171 -2.42 -10.21 -9.40
N TYR A 172 -2.85 -11.47 -9.44
CA TYR A 172 -2.88 -12.25 -8.22
C TYR A 172 -1.49 -12.48 -7.66
N GLN A 173 -0.47 -12.56 -8.53
CA GLN A 173 0.89 -12.76 -8.06
C GLN A 173 1.38 -11.57 -7.23
N LEU A 174 0.81 -10.37 -7.45
CA LEU A 174 1.17 -9.21 -6.62
C LEU A 174 0.95 -9.50 -5.14
N ALA A 175 -0.19 -10.11 -4.81
CA ALA A 175 -0.49 -10.38 -3.42
C ALA A 175 0.51 -11.38 -2.83
N VAL A 176 0.90 -12.39 -3.61
CA VAL A 176 1.92 -13.33 -3.14
C VAL A 176 3.25 -12.62 -2.93
N ASP A 177 3.70 -11.87 -3.93
CA ASP A 177 5.03 -11.27 -3.87
C ASP A 177 5.10 -10.16 -2.84
N TYR A 178 4.04 -9.37 -2.70
CA TYR A 178 4.12 -8.15 -1.91
C TYR A 178 3.50 -8.28 -0.52
N LEU A 179 2.68 -9.30 -0.28
CA LEU A 179 2.31 -9.63 1.09
C LEU A 179 3.18 -10.72 1.68
N GLY A 180 3.79 -11.56 0.84
CA GLY A 180 4.76 -12.54 1.32
C GLY A 180 4.16 -13.85 1.78
N TYR A 181 3.09 -14.31 1.15
CA TYR A 181 2.44 -15.57 1.50
C TYR A 181 2.11 -16.31 0.21
N PRO A 182 2.28 -17.63 0.19
CA PRO A 182 1.89 -18.38 -1.01
C PRO A 182 0.39 -18.33 -1.22
N ALA A 183 -0.01 -18.58 -2.46
CA ALA A 183 -1.40 -18.38 -2.88
C ALA A 183 -2.38 -19.19 -2.04
N ASP A 184 -2.00 -20.40 -1.63
CA ASP A 184 -2.98 -21.20 -0.90
C ASP A 184 -3.21 -20.73 0.54
N THR A 185 -2.47 -19.73 1.01
CA THR A 185 -2.72 -19.11 2.31
C THR A 185 -3.37 -17.74 2.19
N ILE A 186 -3.82 -17.36 0.99
CA ILE A 186 -4.48 -16.08 0.75
C ILE A 186 -5.94 -16.35 0.38
N LEU A 187 -6.84 -15.60 0.98
CA LEU A 187 -8.25 -15.62 0.66
C LEU A 187 -8.58 -14.39 -0.18
N MET A 188 -9.24 -14.59 -1.30
CA MET A 188 -9.66 -13.50 -2.16
C MET A 188 -11.13 -13.22 -1.96
N VAL A 189 -11.48 -11.94 -1.73
CA VAL A 189 -12.86 -11.53 -1.44
C VAL A 189 -13.35 -10.59 -2.55
N ALA A 190 -14.48 -10.93 -3.16
CA ALA A 190 -15.01 -10.06 -4.20
C ALA A 190 -16.50 -10.31 -4.33
N CYS A 191 -17.18 -9.33 -4.90
CA CYS A 191 -18.58 -9.45 -5.28
C CYS A 191 -18.75 -9.74 -6.76
N HIS A 192 -17.65 -10.02 -7.46
CA HIS A 192 -17.67 -10.30 -8.89
C HIS A 192 -17.13 -11.72 -9.12
N LYS A 193 -17.93 -12.57 -9.76
CA LYS A 193 -17.60 -14.00 -9.80
C LYS A 193 -16.35 -14.27 -10.64
N TYR A 194 -16.14 -13.54 -11.74
CA TYR A 194 -15.01 -13.86 -12.62
C TYR A 194 -13.68 -13.67 -11.91
N ASP A 195 -13.62 -12.70 -11.00
CA ASP A 195 -12.43 -12.46 -10.20
C ASP A 195 -12.14 -13.67 -9.31
N LEU A 196 -13.18 -14.18 -8.65
CA LEU A 196 -13.00 -15.34 -7.79
C LEU A 196 -12.65 -16.58 -8.59
N LYS A 197 -13.24 -16.72 -9.78
CA LYS A 197 -12.89 -17.88 -10.61
C LYS A 197 -11.41 -17.89 -10.96
N ALA A 198 -10.87 -16.73 -11.33
CA ALA A 198 -9.44 -16.64 -11.62
C ALA A 198 -8.60 -16.86 -10.37
N ALA A 199 -9.01 -16.30 -9.21
CA ALA A 199 -8.22 -16.47 -8.00
C ALA A 199 -8.18 -17.93 -7.57
N ARG A 200 -9.29 -18.64 -7.71
CA ARG A 200 -9.30 -20.07 -7.42
C ARG A 200 -8.32 -20.83 -8.31
N ALA A 201 -8.34 -20.57 -9.62
CA ALA A 201 -7.41 -21.25 -10.51
C ALA A 201 -5.96 -20.90 -10.16
N PHE A 202 -5.71 -19.70 -9.67
CA PHE A 202 -4.37 -19.30 -9.24
C PHE A 202 -3.94 -19.99 -7.96
N GLY A 203 -4.88 -20.46 -7.13
CA GLY A 203 -4.57 -21.18 -5.92
C GLY A 203 -5.14 -20.59 -4.65
N MET A 204 -5.76 -19.42 -4.69
CA MET A 204 -6.30 -18.80 -3.49
C MET A 204 -7.64 -19.43 -3.09
N ARG A 205 -7.99 -19.29 -1.80
CA ARG A 205 -9.37 -19.50 -1.36
C ARG A 205 -10.23 -18.32 -1.81
N THR A 206 -11.53 -18.53 -1.87
CA THR A 206 -12.43 -17.49 -2.41
C THR A 206 -13.62 -17.26 -1.49
N ALA A 207 -14.00 -15.99 -1.35
CA ALA A 207 -15.19 -15.62 -0.59
C ALA A 207 -15.99 -14.65 -1.43
N PHE A 208 -17.20 -15.05 -1.80
CA PHE A 208 -18.13 -14.19 -2.53
C PHE A 208 -18.97 -13.39 -1.55
N VAL A 209 -19.02 -12.07 -1.74
CA VAL A 209 -19.86 -11.17 -0.96
C VAL A 209 -20.93 -10.62 -1.88
N ALA A 210 -22.19 -10.93 -1.57
CA ALA A 210 -23.30 -10.49 -2.40
C ALA A 210 -23.53 -8.99 -2.21
N ARG A 211 -23.54 -8.24 -3.31
CA ARG A 211 -23.75 -6.79 -3.29
C ARG A 211 -24.89 -6.50 -4.26
N PRO A 212 -26.13 -6.80 -3.87
CA PRO A 212 -27.25 -6.70 -4.81
C PRO A 212 -27.61 -5.28 -5.22
N LEU A 213 -27.09 -4.26 -4.54
CA LEU A 213 -27.33 -2.86 -4.89
C LEU A 213 -26.17 -2.22 -5.66
N GLU A 214 -25.21 -3.03 -6.13
CA GLU A 214 -24.03 -2.47 -6.77
C GLU A 214 -24.36 -1.58 -7.96
N PHE A 215 -25.43 -1.90 -8.71
CA PHE A 215 -25.81 -1.12 -9.88
C PHE A 215 -27.13 -0.38 -9.68
N GLY A 216 -27.49 -0.12 -8.44
CA GLY A 216 -28.68 0.66 -8.16
C GLY A 216 -29.89 -0.21 -7.91
N PRO A 217 -31.03 0.42 -7.68
CA PRO A 217 -32.18 -0.33 -7.16
C PRO A 217 -32.96 -1.10 -8.21
N ALA A 218 -32.68 -0.90 -9.49
CA ALA A 218 -33.47 -1.53 -10.54
C ALA A 218 -32.80 -2.75 -11.17
N ALA A 219 -31.50 -2.93 -10.98
CA ALA A 219 -30.77 -4.01 -11.61
C ALA A 219 -31.00 -5.32 -10.88
N LYS A 220 -30.78 -6.43 -11.61
CA LYS A 220 -30.92 -7.78 -11.05
C LYS A 220 -29.55 -8.44 -11.09
N VAL A 221 -28.85 -8.41 -9.96
CA VAL A 221 -27.46 -8.82 -9.86
C VAL A 221 -27.40 -10.31 -9.58
N ASP A 222 -26.42 -10.98 -10.19
CA ASP A 222 -26.18 -12.40 -9.94
C ASP A 222 -25.52 -12.58 -8.59
N VAL A 223 -26.29 -13.03 -7.61
CA VAL A 223 -25.78 -13.35 -6.28
C VAL A 223 -25.99 -14.82 -5.93
N ALA A 224 -26.29 -15.63 -6.94
CA ALA A 224 -26.59 -17.04 -6.71
C ALA A 224 -25.38 -17.78 -6.16
N PRO A 225 -25.60 -18.85 -5.38
CA PRO A 225 -24.48 -19.62 -4.85
C PRO A 225 -23.75 -20.38 -5.96
N GLU A 226 -22.48 -20.69 -5.69
CA GLU A 226 -21.68 -21.54 -6.57
C GLU A 226 -20.98 -22.58 -5.73
N SER A 227 -20.89 -23.81 -6.24
CA SER A 227 -20.30 -24.89 -5.46
C SER A 227 -18.81 -24.70 -5.20
N TRP A 228 -18.13 -23.91 -6.02
CA TRP A 228 -16.68 -23.81 -5.91
C TRP A 228 -16.22 -22.67 -4.99
N PHE A 229 -17.12 -21.78 -4.56
CA PHE A 229 -16.76 -20.79 -3.54
C PHE A 229 -16.36 -21.50 -2.24
N ASP A 230 -15.35 -20.97 -1.55
CA ASP A 230 -15.12 -21.46 -0.20
C ASP A 230 -16.09 -20.84 0.80
N LEU A 231 -16.47 -19.58 0.58
CA LEU A 231 -17.45 -18.89 1.41
C LEU A 231 -18.38 -18.09 0.51
N HIS A 232 -19.64 -17.97 0.94
CA HIS A 232 -20.66 -17.16 0.27
C HIS A 232 -21.43 -16.43 1.37
N VAL A 233 -21.30 -15.10 1.43
CA VAL A 233 -21.89 -14.32 2.51
C VAL A 233 -22.60 -13.12 1.92
N ASP A 234 -23.44 -12.48 2.74
CA ASP A 234 -24.22 -11.34 2.28
C ASP A 234 -23.59 -9.99 2.61
N ASN A 235 -22.54 -9.97 3.42
CA ASN A 235 -21.94 -8.72 3.86
C ASN A 235 -20.65 -9.06 4.61
N PHE A 236 -19.91 -8.03 5.02
CA PHE A 236 -18.66 -8.26 5.72
C PHE A 236 -18.87 -8.67 7.17
N THR A 237 -20.06 -8.43 7.71
CA THR A 237 -20.35 -8.94 9.05
C THR A 237 -20.29 -10.45 9.05
N GLN A 238 -20.97 -11.09 8.09
CA GLN A 238 -20.95 -12.55 8.01
C GLN A 238 -19.58 -13.06 7.62
N LEU A 239 -18.85 -12.31 6.80
CA LEU A 239 -17.49 -12.70 6.45
C LEU A 239 -16.61 -12.76 7.69
N ALA A 240 -16.66 -11.72 8.53
CA ALA A 240 -15.85 -11.73 9.74
C ALA A 240 -16.35 -12.81 10.70
N ASP A 241 -17.66 -13.03 10.77
CA ASP A 241 -18.16 -14.08 11.65
C ASP A 241 -17.57 -15.45 11.27
N ALA A 242 -17.40 -15.69 9.97
CA ALA A 242 -16.91 -16.99 9.52
C ALA A 242 -15.42 -17.19 9.80
N LEU A 243 -14.65 -16.11 9.90
CA LEU A 243 -13.20 -16.22 9.95
C LEU A 243 -12.57 -15.79 11.27
N VAL A 244 -13.27 -14.98 12.06
CA VAL A 244 -12.76 -14.59 13.38
C VAL A 244 -13.89 -14.84 14.37
N PRO A 245 -14.05 -16.08 14.81
CA PRO A 245 -15.15 -16.40 15.74
C PRO A 245 -14.85 -15.87 17.14
N ALA A 246 -15.92 -15.82 17.94
CA ALA A 246 -15.91 -15.47 19.37
C ALA A 246 -14.75 -14.58 19.83
N THR B 8 2.95 30.12 1.87
CA THR B 8 4.15 29.32 2.01
C THR B 8 4.07 27.98 1.27
N TRP B 9 5.21 27.27 1.20
CA TRP B 9 5.22 25.94 0.61
C TRP B 9 4.54 24.91 1.50
N ARG B 10 4.45 25.17 2.81
CA ARG B 10 3.80 24.21 3.70
C ARG B 10 2.34 24.02 3.36
N ASP B 11 1.69 25.06 2.84
CA ASP B 11 0.29 24.97 2.49
C ASP B 11 0.05 24.23 1.18
N GLU B 12 1.10 24.05 0.36
CA GLU B 12 0.95 23.28 -0.86
C GLU B 12 1.22 21.79 -0.68
N ILE B 13 1.72 21.37 0.49
CA ILE B 13 2.01 19.95 0.69
C ILE B 13 0.71 19.17 0.73
N ARG B 14 0.64 18.09 -0.05
CA ARG B 14 -0.52 17.22 -0.05
C ARG B 14 -0.22 15.82 0.47
N ALA B 15 1.03 15.38 0.35
CA ALA B 15 1.38 14.02 0.76
C ALA B 15 2.74 14.01 1.46
N ILE B 16 2.91 13.07 2.38
CA ILE B 16 4.16 12.92 3.11
C ILE B 16 4.59 11.47 3.00
N ALA B 17 5.81 11.25 2.51
CA ALA B 17 6.38 9.91 2.32
C ALA B 17 7.49 9.69 3.35
N PHE B 18 7.47 8.53 4.01
CA PHE B 18 8.38 8.25 5.12
C PHE B 18 9.27 7.06 4.83
N ASP B 19 10.58 7.22 5.02
CA ASP B 19 11.43 6.05 5.20
C ASP B 19 10.97 5.35 6.47
N VAL B 20 11.22 4.04 6.56
CA VAL B 20 10.66 3.27 7.67
C VAL B 20 11.76 2.78 8.60
N GLN B 21 12.62 1.89 8.13
CA GLN B 21 13.66 1.33 9.00
C GLN B 21 14.62 2.44 9.41
N GLY B 22 14.79 2.62 10.72
CA GLY B 22 15.56 3.75 11.24
C GLY B 22 14.76 5.02 11.45
N THR B 23 14.02 5.45 10.42
CA THR B 23 13.31 6.73 10.50
C THR B 23 12.09 6.63 11.42
N CYS B 24 11.27 5.59 11.24
CA CYS B 24 10.08 5.37 12.07
C CYS B 24 10.28 4.31 13.14
N VAL B 25 11.16 3.33 12.91
CA VAL B 25 11.30 2.20 13.82
C VAL B 25 12.78 1.98 14.13
N ASP B 26 13.02 1.45 15.32
CA ASP B 26 14.34 1.03 15.78
C ASP B 26 14.59 -0.43 15.41
N PHE B 27 15.78 -0.72 14.88
CA PHE B 27 16.18 -2.10 14.67
C PHE B 27 17.30 -2.56 15.60
N TYR B 28 17.93 -1.63 16.33
CA TYR B 28 19.02 -2.00 17.22
C TYR B 28 18.53 -2.86 18.38
N GLN B 29 17.56 -2.37 19.16
CA GLN B 29 17.07 -3.20 20.27
C GLN B 29 16.44 -4.50 19.80
N PRO B 30 15.67 -4.55 18.69
CA PRO B 30 15.20 -5.86 18.21
C PRO B 30 16.33 -6.85 17.96
N ILE B 31 17.44 -6.41 17.39
CA ILE B 31 18.58 -7.31 17.15
C ILE B 31 19.16 -7.79 18.48
N LEU B 32 19.35 -6.86 19.43
CA LEU B 32 19.85 -7.26 20.75
C LEU B 32 18.94 -8.30 21.40
N ARG B 33 17.63 -8.08 21.33
CA ARG B 33 16.69 -9.02 21.92
C ARG B 33 16.74 -10.37 21.22
N ALA B 34 16.76 -10.36 19.88
CA ALA B 34 16.79 -11.61 19.13
C ALA B 34 18.08 -12.37 19.41
N GLY B 35 19.20 -11.66 19.48
CA GLY B 35 20.48 -12.32 19.71
C GLY B 35 20.60 -12.87 21.11
N GLN B 36 19.94 -12.25 22.09
CA GLN B 36 19.99 -12.76 23.45
C GLN B 36 19.16 -14.02 23.60
N THR B 37 18.03 -14.13 22.90
CA THR B 37 17.32 -15.40 22.90
C THR B 37 18.13 -16.50 22.23
N VAL B 38 18.97 -16.15 21.26
CA VAL B 38 19.86 -17.13 20.63
C VAL B 38 20.97 -17.53 21.59
N ASN B 39 21.62 -16.53 22.22
CA ASN B 39 22.66 -16.83 23.21
C ASN B 39 22.14 -17.78 24.28
N ALA B 40 20.88 -17.64 24.68
CA ALA B 40 20.33 -18.49 25.74
C ALA B 40 20.09 -19.90 25.23
N ALA B 41 19.37 -20.04 24.12
CA ALA B 41 19.00 -21.37 23.62
C ALA B 41 20.19 -22.21 23.20
N LYS B 42 21.30 -21.59 22.83
CA LYS B 42 22.48 -22.30 22.35
C LYS B 42 23.70 -22.12 23.24
N GLY B 43 23.51 -21.56 24.45
CA GLY B 43 24.59 -21.46 25.41
C GLY B 43 25.80 -20.68 24.95
N LEU B 44 25.62 -19.66 24.12
CA LEU B 44 26.73 -18.85 23.65
C LEU B 44 26.74 -17.50 24.36
N ALA B 45 27.74 -16.70 24.02
CA ALA B 45 27.89 -15.37 24.59
C ALA B 45 28.38 -14.41 23.51
N LEU B 46 27.67 -14.41 22.38
CA LEU B 46 27.97 -13.48 21.31
C LEU B 46 27.58 -12.07 21.69
N ASP B 47 28.46 -11.12 21.39
CA ASP B 47 28.17 -9.69 21.61
C ASP B 47 27.41 -9.19 20.39
N TRP B 48 26.08 -9.16 20.50
CA TRP B 48 25.27 -8.74 19.37
C TRP B 48 25.35 -7.24 19.11
N ALA B 49 25.71 -6.46 20.13
CA ALA B 49 25.88 -5.02 19.92
C ALA B 49 26.97 -4.74 18.88
N LYS B 50 28.02 -5.56 18.88
CA LYS B 50 29.03 -5.47 17.82
C LYS B 50 28.65 -6.28 16.60
N LEU B 51 27.94 -7.39 16.78
CA LEU B 51 27.56 -8.23 15.64
C LEU B 51 26.59 -7.51 14.71
N SER B 52 25.69 -6.69 15.28
CA SER B 52 24.73 -5.98 14.44
C SER B 52 25.44 -4.99 13.52
N GLY B 53 26.44 -4.27 14.03
CA GLY B 53 27.23 -3.40 13.18
C GLY B 53 27.96 -4.18 12.09
N GLU B 54 28.49 -5.36 12.45
CA GLU B 54 29.12 -6.23 11.46
C GLU B 54 28.13 -6.62 10.37
N TRP B 55 26.96 -7.13 10.80
CA TRP B 55 25.92 -7.53 9.86
C TRP B 55 25.55 -6.38 8.93
N ARG B 56 25.31 -5.20 9.53
CA ARG B 56 24.89 -4.04 8.76
C ARG B 56 25.97 -3.61 7.75
N ASP B 57 27.23 -3.71 8.13
CA ASP B 57 28.31 -3.34 7.22
C ASP B 57 28.40 -4.30 6.04
N LEU B 58 28.16 -5.60 6.28
CA LEU B 58 28.12 -6.56 5.19
C LEU B 58 26.94 -6.28 4.26
N TYR B 59 25.80 -5.92 4.84
CA TYR B 59 24.63 -5.58 4.03
C TYR B 59 24.94 -4.44 3.07
N ARG B 60 25.64 -3.40 3.54
CA ARG B 60 25.77 -2.22 2.68
C ARG B 60 26.72 -2.48 1.54
N VAL B 61 27.73 -3.33 1.77
CA VAL B 61 28.64 -3.70 0.69
C VAL B 61 27.87 -4.37 -0.44
N ALA B 62 27.00 -5.31 -0.09
CA ALA B 62 26.19 -5.99 -1.10
C ALA B 62 25.20 -5.03 -1.74
N LEU B 63 24.58 -4.15 -0.94
CA LEU B 63 23.65 -3.17 -1.50
C LEU B 63 24.36 -2.25 -2.48
N ASP B 64 25.55 -1.77 -2.12
CA ASP B 64 26.28 -0.89 -3.03
C ASP B 64 26.59 -1.58 -4.35
N GLU B 65 26.78 -2.90 -4.32
CA GLU B 65 27.03 -3.63 -5.56
C GLU B 65 25.77 -3.70 -6.42
N VAL B 66 24.60 -3.92 -5.80
CA VAL B 66 23.36 -3.89 -6.56
C VAL B 66 23.17 -2.52 -7.18
N ILE B 67 23.37 -1.46 -6.39
CA ILE B 67 23.18 -0.11 -6.88
C ILE B 67 24.13 0.19 -8.03
N ALA B 68 25.37 -0.29 -7.93
CA ALA B 68 26.36 -0.07 -8.97
C ALA B 68 26.12 -0.95 -10.20
N GLY B 69 25.13 -1.83 -10.18
CA GLY B 69 24.86 -2.69 -11.31
C GLY B 69 25.80 -3.84 -11.49
N LYS B 70 26.67 -4.10 -10.50
CA LYS B 70 27.57 -5.25 -10.55
C LYS B 70 26.86 -6.56 -10.27
N ARG B 71 25.56 -6.53 -9.96
CA ARG B 71 24.86 -7.70 -9.47
C ARG B 71 23.36 -7.50 -9.62
N PRO B 72 22.59 -8.54 -9.94
CA PRO B 72 21.16 -8.35 -10.21
C PRO B 72 20.40 -7.86 -8.98
N TRP B 73 19.22 -7.31 -9.23
CA TRP B 73 18.39 -6.84 -8.13
C TRP B 73 18.04 -7.98 -7.18
N ILE B 74 18.12 -7.71 -5.88
CA ILE B 74 17.78 -8.69 -4.86
C ILE B 74 17.13 -7.95 -3.70
N ARG B 75 16.10 -8.56 -3.12
CA ARG B 75 15.31 -7.95 -2.06
C ARG B 75 16.15 -7.74 -0.79
N VAL B 76 15.79 -6.72 -0.01
CA VAL B 76 16.62 -6.31 1.12
C VAL B 76 16.76 -7.43 2.13
N ASP B 77 15.66 -8.11 2.47
CA ASP B 77 15.75 -9.20 3.44
C ASP B 77 16.66 -10.33 2.96
N ARG B 78 16.68 -10.58 1.65
CA ARG B 78 17.55 -11.61 1.11
C ARG B 78 19.02 -11.19 1.14
N ILE B 79 19.29 -9.90 0.99
CA ILE B 79 20.64 -9.41 1.20
C ILE B 79 21.10 -9.68 2.63
N TYR B 80 20.24 -9.35 3.59
CA TYR B 80 20.59 -9.58 4.98
C TYR B 80 20.78 -11.08 5.25
N ARG B 81 19.95 -11.91 4.62
CA ARG B 81 20.04 -13.34 4.84
C ARG B 81 21.37 -13.91 4.35
N GLU B 82 21.85 -13.40 3.22
CA GLU B 82 23.12 -13.89 2.67
C GLU B 82 24.31 -13.34 3.45
N ALA B 83 24.25 -12.07 3.87
CA ALA B 83 25.31 -11.51 4.68
C ALA B 83 25.41 -12.22 6.03
N LEU B 84 24.30 -12.77 6.53
CA LEU B 84 24.35 -13.56 7.74
C LEU B 84 25.25 -14.78 7.58
N ASP B 85 25.21 -15.41 6.41
CA ASP B 85 26.08 -16.54 6.12
C ASP B 85 27.55 -16.13 6.21
N VAL B 86 27.89 -14.98 5.61
CA VAL B 86 29.26 -14.48 5.68
C VAL B 86 29.63 -14.13 7.12
N LEU B 87 28.70 -13.49 7.84
CA LEU B 87 28.98 -13.08 9.20
C LEU B 87 29.27 -14.27 10.10
N LEU B 88 28.41 -15.29 10.03
CA LEU B 88 28.60 -16.48 10.85
C LEU B 88 29.89 -17.22 10.51
N ASP B 89 30.28 -17.20 9.23
CA ASP B 89 31.49 -17.91 8.84
C ASP B 89 32.74 -17.16 9.29
N ARG B 90 32.76 -15.84 9.07
CA ARG B 90 33.89 -15.03 9.55
C ARG B 90 34.06 -15.09 11.05
N HIS B 91 33.09 -15.62 11.77
CA HIS B 91 33.20 -15.88 13.20
C HIS B 91 33.31 -17.37 13.50
N GLY B 92 33.36 -18.22 12.47
CA GLY B 92 33.48 -19.65 12.66
C GLY B 92 32.36 -20.28 13.47
N LEU B 93 31.10 -19.92 13.19
CA LEU B 93 29.96 -20.60 13.81
C LEU B 93 29.04 -21.23 12.78
N SER B 94 29.52 -21.41 11.54
CA SER B 94 28.65 -21.87 10.45
C SER B 94 27.95 -23.18 10.77
N GLU B 95 28.61 -24.08 11.50
CA GLU B 95 28.01 -25.38 11.81
C GLU B 95 27.32 -25.41 13.17
N ALA B 96 27.34 -24.31 13.91
CA ALA B 96 26.46 -24.19 15.06
C ALA B 96 25.06 -23.72 14.66
N PHE B 97 24.90 -23.20 13.44
CA PHE B 97 23.65 -22.60 12.98
C PHE B 97 23.17 -23.31 11.72
N SER B 98 22.10 -24.08 11.84
CA SER B 98 21.46 -24.66 10.67
C SER B 98 20.79 -23.56 9.84
N LYS B 99 20.38 -23.94 8.62
CA LYS B 99 19.71 -22.96 7.76
C LYS B 99 18.41 -22.48 8.41
N ASP B 100 17.69 -23.37 9.09
CA ASP B 100 16.43 -22.97 9.72
C ASP B 100 16.66 -21.98 10.85
N GLU B 101 17.76 -22.14 11.59
CA GLU B 101 18.07 -21.17 12.65
C GLU B 101 18.48 -19.84 12.05
N ARG B 102 19.22 -19.86 10.94
CA ARG B 102 19.58 -18.63 10.26
C ARG B 102 18.35 -17.94 9.68
N ASP B 103 17.42 -18.72 9.11
CA ASP B 103 16.18 -18.16 8.60
C ASP B 103 15.38 -17.51 9.72
N GLU B 104 15.32 -18.16 10.88
CA GLU B 104 14.51 -17.62 11.96
C GLU B 104 15.16 -16.37 12.56
N LEU B 105 16.49 -16.35 12.64
CA LEU B 105 17.16 -15.15 13.12
C LEU B 105 16.94 -13.98 12.17
N ASN B 106 16.86 -14.25 10.86
CA ASN B 106 16.68 -13.17 9.89
C ASN B 106 15.27 -12.61 9.88
N THR B 107 14.31 -13.24 10.56
CA THR B 107 12.97 -12.65 10.65
C THR B 107 12.95 -11.39 11.51
N VAL B 108 14.04 -11.08 12.20
CA VAL B 108 14.07 -9.91 13.07
C VAL B 108 13.73 -8.65 12.28
N TRP B 109 14.08 -8.61 11.00
CA TRP B 109 13.86 -7.39 10.20
C TRP B 109 12.40 -7.08 9.98
N SER B 110 11.50 -8.01 10.24
CA SER B 110 10.07 -7.77 10.12
C SER B 110 9.39 -7.49 11.46
N LYS B 111 10.14 -7.38 12.57
CA LYS B 111 9.56 -7.14 13.89
C LYS B 111 10.35 -6.04 14.60
N LEU B 112 10.17 -4.81 14.16
CA LEU B 112 10.93 -3.68 14.68
C LEU B 112 10.09 -2.83 15.64
N ASP B 113 10.77 -1.99 16.42
CA ASP B 113 10.11 -1.23 17.49
C ASP B 113 9.86 0.21 17.04
N ALA B 114 8.63 0.69 17.19
CA ALA B 114 8.39 2.11 16.98
C ALA B 114 9.25 2.93 17.94
N TRP B 115 9.86 4.01 17.43
CA TRP B 115 10.39 5.03 18.33
C TRP B 115 9.24 5.59 19.17
N PRO B 116 9.50 6.10 20.37
CA PRO B 116 8.39 6.50 21.25
C PRO B 116 7.48 7.57 20.65
N ASP B 117 7.98 8.40 19.74
CA ASP B 117 7.22 9.49 19.16
C ASP B 117 6.47 9.09 17.88
N SER B 118 6.71 7.90 17.35
CA SER B 118 6.37 7.65 15.95
C SER B 118 4.86 7.54 15.74
N VAL B 119 4.18 6.71 16.53
CA VAL B 119 2.77 6.39 16.25
C VAL B 119 1.90 7.63 16.36
N GLU B 120 2.02 8.36 17.48
CA GLU B 120 1.17 9.55 17.67
C GLU B 120 1.43 10.60 16.61
N GLY B 121 2.71 10.82 16.26
CA GLY B 121 3.02 11.82 15.24
C GLY B 121 2.52 11.42 13.87
N LEU B 122 2.68 10.14 13.50
CA LEU B 122 2.13 9.67 12.24
C LEU B 122 0.62 9.81 12.20
N ALA B 123 -0.05 9.54 13.32
CA ALA B 123 -1.51 9.66 13.37
C ALA B 123 -1.95 11.10 13.17
N ARG B 124 -1.27 12.05 13.81
CA ARG B 124 -1.62 13.46 13.61
C ARG B 124 -1.43 13.87 12.16
N LEU B 125 -0.35 13.40 11.53
CA LEU B 125 -0.09 13.80 10.16
C LEU B 125 -1.11 13.17 9.21
N ARG B 126 -1.51 11.93 9.50
CA ARG B 126 -2.52 11.28 8.68
C ARG B 126 -3.85 12.03 8.72
N SER B 127 -4.15 12.71 9.83
CA SER B 127 -5.42 13.41 9.89
C SER B 127 -5.46 14.64 8.99
N ARG B 128 -4.31 15.13 8.49
CA ARG B 128 -4.29 16.30 7.63
C ARG B 128 -3.69 16.08 6.23
N PHE B 129 -2.94 15.00 6.02
CA PHE B 129 -2.23 14.76 4.76
C PHE B 129 -2.47 13.32 4.30
N VAL B 130 -2.14 13.04 3.04
CA VAL B 130 -1.99 11.66 2.57
C VAL B 130 -0.59 11.18 2.95
N THR B 131 -0.50 10.11 3.74
CA THR B 131 0.80 9.65 4.24
C THR B 131 1.12 8.27 3.68
N SER B 132 2.41 8.02 3.44
CA SER B 132 2.79 6.75 2.85
C SER B 132 4.20 6.38 3.28
N THR B 133 4.50 5.08 3.26
CA THR B 133 5.89 4.68 3.34
C THR B 133 6.57 4.85 1.99
N LEU B 134 7.89 4.97 2.03
CA LEU B 134 8.71 4.92 0.82
C LEU B 134 10.12 4.54 1.30
N SER B 135 10.38 3.24 1.39
CA SER B 135 11.66 2.78 1.91
C SER B 135 12.27 1.77 0.95
N ASN B 136 13.52 1.38 1.24
CA ASN B 136 14.22 0.43 0.38
C ASN B 136 13.76 -1.01 0.57
N ALA B 137 13.21 -1.34 1.74
CA ALA B 137 12.95 -2.73 2.08
C ALA B 137 11.85 -3.31 1.18
N GLY B 138 11.77 -4.64 1.15
CA GLY B 138 10.74 -5.29 0.36
C GLY B 138 9.34 -4.93 0.85
N MET B 139 8.38 -5.00 -0.07
CA MET B 139 6.98 -4.70 0.29
C MET B 139 6.49 -5.58 1.44
N ALA B 140 6.76 -6.88 1.38
CA ALA B 140 6.22 -7.79 2.40
C ALA B 140 6.81 -7.48 3.78
N ALA B 141 8.09 -7.12 3.81
CA ALA B 141 8.73 -6.78 5.08
C ALA B 141 8.14 -5.50 5.65
N VAL B 142 7.90 -4.51 4.79
CA VAL B 142 7.36 -3.24 5.28
C VAL B 142 5.91 -3.42 5.72
N VAL B 143 5.14 -4.23 5.00
CA VAL B 143 3.79 -4.56 5.46
C VAL B 143 3.84 -5.14 6.87
N ALA B 144 4.78 -6.07 7.10
CA ALA B 144 4.88 -6.70 8.41
C ALA B 144 5.36 -5.71 9.47
N VAL B 145 6.36 -4.88 9.14
CA VAL B 145 6.91 -3.94 10.12
C VAL B 145 5.83 -2.94 10.54
N VAL B 146 5.11 -2.39 9.56
CA VAL B 146 4.05 -1.42 9.83
C VAL B 146 2.96 -2.05 10.68
N LYS B 147 2.56 -3.28 10.35
CA LYS B 147 1.52 -3.93 11.14
C LYS B 147 2.01 -4.22 12.57
N HIS B 148 3.24 -4.70 12.72
CA HIS B 148 3.73 -5.10 14.03
C HIS B 148 3.86 -3.89 14.96
N ALA B 149 4.35 -2.77 14.44
CA ALA B 149 4.58 -1.56 15.22
C ALA B 149 3.34 -0.67 15.29
N GLY B 150 2.27 -1.03 14.61
CA GLY B 150 1.03 -0.24 14.65
C GLY B 150 1.15 1.12 14.01
N LEU B 151 1.95 1.25 12.97
CA LEU B 151 2.14 2.57 12.36
C LEU B 151 0.94 2.88 11.46
N PRO B 152 0.34 4.07 11.57
CA PRO B 152 -0.77 4.40 10.67
C PRO B 152 -0.29 5.09 9.41
N PHE B 153 -0.64 4.54 8.24
CA PHE B 153 -0.28 5.10 6.94
C PHE B 153 -1.46 4.93 6.00
N ASP B 154 -1.60 5.86 5.06
CA ASP B 154 -2.60 5.71 3.99
C ASP B 154 -2.14 4.76 2.89
N ALA B 155 -0.83 4.64 2.66
CA ALA B 155 -0.31 3.83 1.57
C ALA B 155 1.01 3.21 2.00
N LEU B 156 1.34 2.05 1.43
CA LEU B 156 2.61 1.38 1.67
C LEU B 156 3.34 1.18 0.34
N LEU B 157 4.38 1.97 0.11
CA LEU B 157 5.20 1.86 -1.08
C LEU B 157 6.64 1.56 -0.69
N THR B 158 7.33 0.77 -1.51
CA THR B 158 8.76 0.59 -1.30
C THR B 158 9.48 0.51 -2.63
N ALA B 159 10.80 0.55 -2.55
CA ALA B 159 11.63 0.51 -3.74
C ALA B 159 11.44 -0.78 -4.54
N GLU B 160 10.93 -1.84 -3.92
CA GLU B 160 10.72 -3.09 -4.66
C GLU B 160 9.77 -2.87 -5.83
N LEU B 161 8.86 -1.91 -5.71
CA LEU B 161 7.92 -1.61 -6.79
C LEU B 161 8.62 -1.04 -8.01
N ALA B 162 9.84 -0.54 -7.86
CA ALA B 162 10.65 -0.08 -8.98
C ALA B 162 11.77 -1.03 -9.34
N HIS B 163 12.04 -2.05 -8.51
CA HIS B 163 13.23 -2.93 -8.63
C HIS B 163 14.50 -2.12 -8.86
N SER B 164 14.59 -1.02 -8.11
CA SER B 164 15.72 -0.12 -8.10
C SER B 164 15.80 0.43 -6.68
N TYR B 165 17.02 0.71 -6.22
CA TYR B 165 17.18 1.20 -4.86
C TYR B 165 17.43 2.70 -4.85
N LYS B 166 17.09 3.34 -3.71
CA LYS B 166 17.49 4.72 -3.54
C LYS B 166 18.99 4.81 -3.81
N PRO B 167 19.49 5.92 -4.38
CA PRO B 167 18.83 7.18 -4.71
C PRO B 167 18.23 7.25 -6.10
N SER B 168 17.91 6.12 -6.74
CA SER B 168 17.40 6.17 -8.10
C SER B 168 16.13 7.02 -8.17
N PRO B 169 16.03 7.96 -9.12
CA PRO B 169 14.78 8.72 -9.29
C PRO B 169 13.54 7.86 -9.43
N ALA B 170 13.66 6.64 -9.93
CA ALA B 170 12.51 5.78 -10.10
C ALA B 170 11.81 5.46 -8.78
N VAL B 171 12.53 5.46 -7.66
CA VAL B 171 11.89 5.17 -6.38
C VAL B 171 10.98 6.34 -5.99
N TYR B 172 11.48 7.57 -6.12
CA TYR B 172 10.68 8.74 -5.78
C TYR B 172 9.50 8.91 -6.74
N GLN B 173 9.67 8.52 -8.01
CA GLN B 173 8.54 8.58 -8.94
C GLN B 173 7.40 7.65 -8.53
N LEU B 174 7.68 6.62 -7.74
CA LEU B 174 6.60 5.76 -7.26
C LEU B 174 5.59 6.56 -6.43
N ALA B 175 6.08 7.47 -5.59
CA ALA B 175 5.16 8.28 -4.81
C ALA B 175 4.33 9.20 -5.71
N VAL B 176 4.95 9.77 -6.74
CA VAL B 176 4.20 10.65 -7.64
C VAL B 176 3.10 9.86 -8.33
N ASP B 177 3.45 8.68 -8.86
CA ASP B 177 2.51 7.93 -9.69
C ASP B 177 1.43 7.27 -8.85
N TYR B 178 1.79 6.74 -7.67
CA TYR B 178 0.87 5.91 -6.92
C TYR B 178 0.17 6.62 -5.78
N LEU B 179 0.65 7.79 -5.37
CA LEU B 179 -0.15 8.65 -4.50
C LEU B 179 -0.94 9.68 -5.30
N GLY B 180 -0.46 10.04 -6.49
CA GLY B 180 -1.21 10.92 -7.36
C GLY B 180 -0.97 12.41 -7.16
N TYR B 181 0.23 12.80 -6.71
CA TYR B 181 0.58 14.19 -6.48
C TYR B 181 1.94 14.50 -7.09
N PRO B 182 2.14 15.70 -7.62
CA PRO B 182 3.43 16.05 -8.20
C PRO B 182 4.50 16.20 -7.14
N ALA B 183 5.76 16.08 -7.57
CA ALA B 183 6.89 16.03 -6.64
C ALA B 183 6.91 17.22 -5.68
N ASP B 184 6.59 18.42 -6.18
CA ASP B 184 6.69 19.60 -5.32
C ASP B 184 5.59 19.68 -4.25
N THR B 185 4.63 18.76 -4.23
CA THR B 185 3.62 18.71 -3.17
C THR B 185 3.82 17.54 -2.23
N ILE B 186 4.94 16.84 -2.34
CA ILE B 186 5.27 15.71 -1.48
C ILE B 186 6.46 16.09 -0.60
N LEU B 187 6.31 15.83 0.70
CA LEU B 187 7.39 15.96 1.67
C LEU B 187 8.01 14.58 1.91
N MET B 188 9.31 14.46 1.74
CA MET B 188 10.02 13.23 2.06
C MET B 188 10.66 13.33 3.43
N VAL B 189 10.41 12.33 4.27
CA VAL B 189 10.87 12.32 5.66
C VAL B 189 11.85 11.18 5.86
N ALA B 190 13.07 11.48 6.35
CA ALA B 190 14.03 10.41 6.56
C ALA B 190 15.06 10.84 7.58
N CYS B 191 15.71 9.85 8.19
CA CYS B 191 16.84 10.08 9.07
C CYS B 191 18.17 9.86 8.36
N HIS B 192 18.16 9.63 7.04
CA HIS B 192 19.36 9.39 6.25
C HIS B 192 19.49 10.48 5.20
N LYS B 193 20.62 11.19 5.23
CA LYS B 193 20.76 12.40 4.43
C LYS B 193 20.76 12.12 2.92
N TYR B 194 21.40 11.03 2.48
CA TYR B 194 21.49 10.77 1.04
C TYR B 194 20.12 10.58 0.42
N ASP B 195 19.19 10.02 1.18
CA ASP B 195 17.81 9.86 0.74
C ASP B 195 17.16 11.21 0.48
N LEU B 196 17.30 12.15 1.43
CA LEU B 196 16.76 13.48 1.24
C LEU B 196 17.49 14.24 0.13
N LYS B 197 18.80 14.02 -0.03
CA LYS B 197 19.50 14.69 -1.12
C LYS B 197 18.93 14.26 -2.46
N ALA B 198 18.63 12.98 -2.63
CA ALA B 198 18.01 12.50 -3.87
C ALA B 198 16.59 13.02 -4.02
N ALA B 199 15.79 12.99 -2.94
CA ALA B 199 14.42 13.48 -2.99
C ALA B 199 14.39 14.95 -3.37
N ARG B 200 15.32 15.74 -2.83
CA ARG B 200 15.38 17.16 -3.20
C ARG B 200 15.73 17.34 -4.67
N ALA B 201 16.71 16.57 -5.17
CA ALA B 201 17.07 16.65 -6.58
C ALA B 201 15.90 16.26 -7.47
N PHE B 202 15.11 15.29 -7.01
CA PHE B 202 13.90 14.87 -7.72
C PHE B 202 12.81 15.94 -7.71
N GLY B 203 12.84 16.85 -6.74
CA GLY B 203 11.89 17.96 -6.69
C GLY B 203 10.98 17.96 -5.46
N MET B 204 11.13 17.04 -4.53
CA MET B 204 10.30 17.00 -3.33
C MET B 204 10.83 17.96 -2.28
N ARG B 205 9.97 18.30 -1.32
CA ARG B 205 10.43 18.95 -0.09
C ARG B 205 10.99 17.89 0.85
N THR B 206 11.86 18.31 1.78
CA THR B 206 12.55 17.33 2.62
C THR B 206 12.43 17.68 4.10
N ALA B 207 12.36 16.63 4.92
CA ALA B 207 12.36 16.73 6.38
C ALA B 207 13.33 15.70 6.96
N PHE B 208 14.40 16.19 7.59
CA PHE B 208 15.36 15.34 8.28
C PHE B 208 14.91 15.13 9.71
N VAL B 209 14.94 13.88 10.16
CA VAL B 209 14.63 13.52 11.55
C VAL B 209 15.88 12.96 12.18
N ALA B 210 16.30 13.56 13.28
CA ALA B 210 17.46 13.07 14.02
C ALA B 210 17.11 11.79 14.76
N ARG B 211 17.86 10.73 14.49
CA ARG B 211 17.67 9.44 15.16
C ARG B 211 19.03 9.03 15.70
N PRO B 212 19.46 9.65 16.80
CA PRO B 212 20.85 9.43 17.26
C PRO B 212 21.11 8.03 17.79
N LEU B 213 20.08 7.26 18.10
CA LEU B 213 20.22 5.90 18.62
C LEU B 213 20.01 4.84 17.55
N GLU B 214 19.97 5.22 16.27
CA GLU B 214 19.68 4.27 15.20
C GLU B 214 20.63 3.08 15.21
N PHE B 215 21.89 3.28 15.58
CA PHE B 215 22.87 2.20 15.60
C PHE B 215 23.35 1.88 17.01
N GLY B 216 22.51 2.12 18.00
CA GLY B 216 22.83 1.81 19.37
C GLY B 216 23.46 2.98 20.08
N PRO B 217 23.81 2.78 21.36
CA PRO B 217 24.35 3.90 22.15
C PRO B 217 25.79 4.28 21.81
N ALA B 218 26.58 3.38 21.21
CA ALA B 218 28.00 3.63 21.02
C ALA B 218 28.34 4.34 19.72
N ALA B 219 27.47 4.28 18.71
CA ALA B 219 27.78 4.91 17.43
C ALA B 219 27.54 6.42 17.52
N LYS B 220 28.23 7.15 16.65
CA LYS B 220 28.11 8.61 16.58
C LYS B 220 27.47 8.95 15.24
N VAL B 221 26.18 9.27 15.28
CA VAL B 221 25.37 9.49 14.09
C VAL B 221 25.48 10.94 13.66
N ASP B 222 25.60 11.17 12.35
CA ASP B 222 25.63 12.52 11.80
C ASP B 222 24.22 13.12 11.88
N VAL B 223 24.02 14.07 12.79
CA VAL B 223 22.77 14.80 12.91
C VAL B 223 22.99 16.30 12.70
N ALA B 224 24.08 16.67 12.03
CA ALA B 224 24.38 18.08 11.80
C ALA B 224 23.40 18.67 10.79
N PRO B 225 23.10 19.97 10.91
CA PRO B 225 22.15 20.57 9.98
C PRO B 225 22.72 20.69 8.58
N GLU B 226 21.82 20.81 7.62
CA GLU B 226 22.16 21.13 6.24
C GLU B 226 21.27 22.28 5.81
N SER B 227 21.87 23.25 5.11
CA SER B 227 21.12 24.43 4.70
C SER B 227 19.97 24.08 3.76
N TRP B 228 20.07 22.94 3.08
CA TRP B 228 19.09 22.63 2.03
C TRP B 228 17.91 21.81 2.53
N PHE B 229 17.93 21.31 3.78
CA PHE B 229 16.72 20.71 4.34
C PHE B 229 15.59 21.74 4.35
N ASP B 230 14.36 21.27 4.12
CA ASP B 230 13.25 22.20 4.35
C ASP B 230 12.84 22.19 5.81
N LEU B 231 12.81 21.01 6.42
CA LEU B 231 12.56 20.85 7.85
C LEU B 231 13.65 19.99 8.44
N HIS B 232 13.86 20.15 9.74
CA HIS B 232 14.91 19.43 10.46
C HIS B 232 14.39 19.33 11.88
N VAL B 233 13.97 18.12 12.29
CA VAL B 233 13.27 17.94 13.55
C VAL B 233 13.97 16.89 14.39
N ASP B 234 13.70 16.96 15.69
CA ASP B 234 14.20 16.00 16.65
C ASP B 234 13.37 14.73 16.69
N ASN B 235 12.11 14.80 16.29
CA ASN B 235 11.19 13.70 16.51
C ASN B 235 9.87 14.05 15.82
N PHE B 236 8.96 13.07 15.77
CA PHE B 236 7.73 13.27 15.01
C PHE B 236 6.71 14.11 15.76
N THR B 237 6.85 14.24 17.09
CA THR B 237 6.04 15.22 17.80
C THR B 237 6.31 16.62 17.29
N GLN B 238 7.59 16.99 17.23
CA GLN B 238 7.94 18.29 16.68
C GLN B 238 7.49 18.42 15.22
N LEU B 239 7.62 17.34 14.44
CA LEU B 239 7.18 17.39 13.05
C LEU B 239 5.68 17.68 12.96
N ALA B 240 4.88 16.96 13.74
CA ALA B 240 3.44 17.19 13.71
C ALA B 240 3.09 18.58 14.24
N ASP B 241 3.80 19.04 15.27
CA ASP B 241 3.47 20.35 15.80
C ASP B 241 3.83 21.45 14.81
N ALA B 242 4.77 21.17 13.91
CA ALA B 242 5.18 22.12 12.90
C ALA B 242 4.17 22.19 11.76
N LEU B 243 3.59 21.04 11.39
CA LEU B 243 2.73 20.95 10.21
C LEU B 243 1.24 20.89 10.52
N VAL B 244 0.86 20.44 11.72
CA VAL B 244 -0.54 20.28 12.13
C VAL B 244 -0.71 20.83 13.54
N PRO B 245 -0.56 22.12 13.78
CA PRO B 245 -0.70 22.65 15.15
C PRO B 245 -2.07 22.31 15.75
N ALA B 246 -2.05 21.67 16.92
CA ALA B 246 -3.22 20.95 17.42
C ALA B 246 -4.19 21.81 18.22
N LEU B 247 -3.71 22.84 18.91
CA LEU B 247 -4.58 23.60 19.80
C LEU B 247 -4.88 25.00 19.26
#